data_5YPY
#
_entry.id   5YPY
#
_cell.length_a   110.519
_cell.length_b   74.510
_cell.length_c   63.270
_cell.angle_alpha   90.00
_cell.angle_beta   97.58
_cell.angle_gamma   90.00
#
_symmetry.space_group_name_H-M   'C 1 2 1'
#
loop_
_entity.id
_entity.type
_entity.pdbx_description
1 polymer 'Acetolactate synthase isozyme 1 small subunit'
2 non-polymer VALINE
3 water water
#
_entity_poly.entity_id   1
_entity_poly.type   'polypeptide(L)'
_entity_poly.pdbx_seq_one_letter_code
;GSMQNTTHDNVILELTVRNHPGVMTHVCGLFARRAFNVEGILCLPIQDSDKSHIWLLVNDDQRLEQMISQIDKLEDVVKV
QRNQSDPTMFNKIAVFFQ
;
_entity_poly.pdbx_strand_id   A,B,C,D
#
# COMPACT_ATOMS: atom_id res chain seq x y z
N HIS A 8 10.44 27.98 2.03
CA HIS A 8 10.40 26.53 2.21
C HIS A 8 9.46 26.12 3.37
N ASP A 9 8.26 25.70 3.00
CA ASP A 9 7.26 25.22 3.96
C ASP A 9 7.48 23.72 4.21
N ASN A 10 8.59 23.42 4.90
CA ASN A 10 8.91 22.08 5.31
C ASN A 10 8.72 21.88 6.80
N VAL A 11 8.50 20.64 7.20
CA VAL A 11 8.49 20.33 8.62
C VAL A 11 9.41 19.16 8.78
N ILE A 12 9.98 19.03 9.98
CA ILE A 12 10.81 17.88 10.32
C ILE A 12 10.11 17.05 11.35
N LEU A 13 9.93 15.77 11.06
CA LEU A 13 9.37 14.82 12.00
C LEU A 13 10.53 14.05 12.60
N GLU A 14 10.63 14.04 13.91
CA GLU A 14 11.66 13.23 14.53
C GLU A 14 10.98 12.07 15.20
N LEU A 15 11.28 10.86 14.72
CA LEU A 15 10.67 9.65 15.23
C LEU A 15 11.66 8.95 16.15
N THR A 16 11.15 8.34 17.20
CA THR A 16 11.92 7.39 17.99
C THR A 16 11.35 6.00 17.72
N VAL A 17 12.17 5.11 17.15
CA VAL A 17 11.68 3.81 16.70
C VAL A 17 12.55 2.69 17.26
N ARG A 18 12.01 1.47 17.20
CA ARG A 18 12.79 0.26 17.47
C ARG A 18 13.78 -0.01 16.34
N ASN A 19 14.99 -0.45 16.69
CA ASN A 19 16.01 -0.65 15.67
C ASN A 19 15.99 -2.12 15.22
N HIS A 20 14.94 -2.46 14.48
CA HIS A 20 14.58 -3.79 14.04
C HIS A 20 14.39 -3.74 12.53
N PRO A 21 14.59 -4.85 11.83
CA PRO A 21 14.35 -4.85 10.39
C PRO A 21 12.89 -4.53 10.09
N GLY A 22 12.67 -3.79 9.01
CA GLY A 22 11.33 -3.48 8.55
C GLY A 22 10.77 -2.16 9.02
N VAL A 23 11.35 -1.55 10.04
CA VAL A 23 10.70 -0.40 10.63
C VAL A 23 10.64 0.73 9.62
N MET A 24 11.74 1.00 8.93
CA MET A 24 11.73 2.14 8.02
C MET A 24 10.77 1.88 6.87
N THR A 25 10.58 0.61 6.48
CA THR A 25 9.68 0.29 5.39
C THR A 25 8.23 0.59 5.79
N HIS A 26 7.86 0.22 7.02
CA HIS A 26 6.54 0.59 7.55
C HIS A 26 6.33 2.10 7.60
N VAL A 27 7.36 2.88 8.00
CA VAL A 27 7.19 4.33 8.13
C VAL A 27 7.06 5.01 6.79
N CYS A 28 8.02 4.77 5.88
CA CYS A 28 7.94 5.30 4.52
C CYS A 28 6.72 4.78 3.77
N GLY A 29 6.35 3.51 4.00
CA GLY A 29 5.17 2.94 3.37
C GLY A 29 3.91 3.76 3.61
N LEU A 30 3.79 4.41 4.78
CA LEU A 30 2.64 5.25 5.09
C LEU A 30 2.64 6.52 4.23
N PHE A 31 3.81 7.10 3.98
CA PHE A 31 3.95 8.20 3.02
C PHE A 31 3.69 7.73 1.58
N ALA A 32 4.17 6.54 1.25
CA ALA A 32 3.99 6.01 -0.09
C ALA A 32 2.49 5.89 -0.41
N ARG A 33 1.77 5.27 0.50
CA ARG A 33 0.32 5.06 0.28
C ARG A 33 -0.47 6.36 0.13
N ARG A 34 0.05 7.49 0.62
CA ARG A 34 -0.56 8.80 0.42
C ARG A 34 0.09 9.59 -0.73
N ALA A 35 0.89 8.95 -1.59
CA ALA A 35 1.58 9.61 -2.72
C ALA A 35 2.34 10.85 -2.22
N PHE A 36 2.95 10.70 -1.07
CA PHE A 36 3.50 11.81 -0.29
C PHE A 36 5.02 11.70 -0.29
N ASN A 37 5.68 12.60 -1.02
CA ASN A 37 7.15 12.53 -1.15
C ASN A 37 7.85 12.87 0.15
N VAL A 38 8.89 12.10 0.48
CA VAL A 38 9.79 12.43 1.58
C VAL A 38 11.04 13.09 0.99
N GLU A 39 11.43 14.26 1.56
CA GLU A 39 12.50 14.95 0.87
C GLU A 39 13.88 14.61 1.42
N GLY A 40 14.07 14.67 2.74
CA GLY A 40 15.31 14.24 3.35
C GLY A 40 14.99 13.23 4.44
N ILE A 41 15.93 12.34 4.67
CA ILE A 41 15.83 11.35 5.73
C ILE A 41 17.19 11.28 6.43
N LEU A 42 17.21 11.24 7.79
CA LEU A 42 18.39 10.78 8.53
C LEU A 42 17.86 9.75 9.50
N CYS A 43 18.64 8.69 9.72
CA CYS A 43 18.33 7.64 10.70
C CYS A 43 19.63 7.30 11.41
N LEU A 44 19.64 7.50 12.75
CA LEU A 44 20.78 7.14 13.54
C LEU A 44 20.39 6.28 14.74
N PRO A 45 21.19 5.27 15.07
CA PRO A 45 20.90 4.45 16.26
C PRO A 45 21.17 5.30 17.48
N ILE A 46 20.47 4.99 18.57
CA ILE A 46 20.74 5.67 19.85
C ILE A 46 21.62 4.74 20.67
N GLN A 47 22.75 5.27 21.14
CA GLN A 47 23.77 4.43 21.75
C GLN A 47 23.25 3.77 23.02
N ASP A 48 23.68 2.53 23.25
CA ASP A 48 23.30 1.76 24.44
C ASP A 48 21.78 1.64 24.56
N SER A 49 21.11 1.38 23.43
CA SER A 49 19.67 1.19 23.39
C SER A 49 19.32 0.39 22.15
N ASP A 50 18.10 -0.18 22.14
CA ASP A 50 17.58 -0.93 21.01
C ASP A 50 16.76 -0.06 20.08
N LYS A 51 16.99 1.26 20.09
CA LYS A 51 16.16 2.23 19.41
C LYS A 51 17.00 3.14 18.54
N SER A 52 16.31 3.80 17.61
CA SER A 52 16.93 4.75 16.70
C SER A 52 16.07 5.99 16.64
N HIS A 53 16.68 7.07 16.16
CA HIS A 53 15.95 8.22 15.65
CA HIS A 53 15.93 8.20 15.65
C HIS A 53 15.88 8.17 14.14
N ILE A 54 14.71 8.50 13.60
CA ILE A 54 14.55 8.84 12.22
C ILE A 54 14.06 10.29 12.16
N TRP A 55 14.75 11.10 11.38
CA TRP A 55 14.28 12.42 10.95
C TRP A 55 13.80 12.36 9.51
N LEU A 56 12.55 12.82 9.27
CA LEU A 56 12.05 13.00 7.93
C LEU A 56 11.85 14.47 7.69
N LEU A 57 12.36 14.93 6.59
CA LEU A 57 12.00 16.23 6.02
C LEU A 57 10.93 16.06 4.95
N VAL A 58 9.77 16.68 5.17
CA VAL A 58 8.64 16.60 4.23
C VAL A 58 8.03 17.99 4.11
N ASN A 59 7.37 18.22 2.99
CA ASN A 59 6.60 19.46 2.84
C ASN A 59 5.35 19.47 3.71
N ASP A 60 5.04 20.65 4.26
CA ASP A 60 3.83 20.83 5.07
C ASP A 60 2.62 20.62 4.20
N ASP A 61 1.70 19.81 4.67
CA ASP A 61 0.58 19.36 3.88
C ASP A 61 -0.58 19.17 4.83
N GLN A 62 -1.78 19.54 4.38
CA GLN A 62 -2.98 19.36 5.20
C GLN A 62 -3.17 17.93 5.69
N ARG A 63 -2.51 16.93 5.10
CA ARG A 63 -2.76 15.60 5.59
C ARG A 63 -1.77 15.18 6.67
N LEU A 64 -0.81 16.04 6.99
CA LEU A 64 0.25 15.64 7.89
C LEU A 64 -0.28 15.27 9.28
N GLU A 65 -1.26 16.03 9.80
CA GLU A 65 -1.64 15.82 11.19
C GLU A 65 -2.19 14.43 11.36
N GLN A 66 -3.04 14.01 10.44
CA GLN A 66 -3.55 12.65 10.48
C GLN A 66 -2.43 11.64 10.22
N MET A 67 -1.55 11.93 9.25
CA MET A 67 -0.42 11.02 9.03
C MET A 67 0.47 10.93 10.26
N ILE A 68 0.70 12.05 10.92
CA ILE A 68 1.50 12.02 12.15
C ILE A 68 0.84 11.11 13.16
N SER A 69 -0.48 11.26 13.33
CA SER A 69 -1.19 10.35 14.22
C SER A 69 -1.05 8.89 13.75
N GLN A 70 -1.08 8.64 12.45
CA GLN A 70 -0.92 7.26 11.97
C GLN A 70 0.50 6.77 12.24
N ILE A 71 1.50 7.65 12.16
CA ILE A 71 2.87 7.21 12.42
C ILE A 71 3.02 6.78 13.88
N ASP A 72 2.41 7.52 14.83
CA ASP A 72 2.57 7.16 16.23
C ASP A 72 1.89 5.83 16.55
N LYS A 73 0.81 5.49 15.84
CA LYS A 73 0.14 4.20 16.02
C LYS A 73 0.94 3.00 15.52
N LEU A 74 2.03 3.20 14.79
CA LEU A 74 2.85 2.07 14.40
C LEU A 74 3.46 1.42 15.64
N GLU A 75 3.50 0.08 15.64
CA GLU A 75 3.97 -0.64 16.81
C GLU A 75 5.43 -0.34 17.13
N ASP A 76 6.23 -0.09 16.11
CA ASP A 76 7.65 0.13 16.35
C ASP A 76 8.00 1.60 16.53
N VAL A 77 7.04 2.51 16.35
CA VAL A 77 7.27 3.93 16.58
C VAL A 77 6.89 4.22 18.03
N VAL A 78 7.88 4.54 18.86
CA VAL A 78 7.56 4.84 20.25
C VAL A 78 7.29 6.31 20.51
N LYS A 79 7.52 7.19 19.52
CA LYS A 79 7.37 8.61 19.81
C LYS A 79 7.54 9.39 18.52
N VAL A 80 6.77 10.49 18.36
CA VAL A 80 6.92 11.40 17.22
C VAL A 80 6.95 12.82 17.75
N GLN A 81 7.86 13.63 17.24
CA GLN A 81 7.86 15.07 17.47
C GLN A 81 7.79 15.78 16.12
N ARG A 82 7.20 16.95 16.09
CA ARG A 82 7.14 17.81 14.92
CA ARG A 82 7.22 17.78 14.90
C ARG A 82 7.87 19.13 15.20
N ASN A 83 8.81 19.50 14.32
CA ASN A 83 9.61 20.73 14.40
C ASN A 83 10.21 20.95 15.79
N GLN A 84 10.80 19.88 16.33
CA GLN A 84 11.63 19.89 17.52
C GLN A 84 13.07 19.40 17.18
N SER A 85 13.52 19.75 15.99
CA SER A 85 14.88 19.49 15.48
C SER A 85 15.40 20.76 14.87
N ASP A 86 16.73 20.83 14.65
CA ASP A 86 17.29 22.01 14.04
C ASP A 86 16.66 22.16 12.66
N PRO A 87 16.01 23.30 12.33
CA PRO A 87 15.26 23.30 11.06
C PRO A 87 16.18 23.23 9.83
N THR A 88 17.46 23.60 9.95
CA THR A 88 18.42 23.56 8.84
C THR A 88 19.35 22.34 8.87
N MET A 89 19.05 21.32 9.68
CA MET A 89 19.94 20.18 9.78
C MET A 89 20.22 19.57 8.40
N PHE A 90 19.21 19.42 7.54
CA PHE A 90 19.52 18.81 6.24
C PHE A 90 20.36 19.73 5.35
N ASN A 91 20.16 21.06 5.45
CA ASN A 91 21.03 21.96 4.70
C ASN A 91 22.46 21.83 5.21
N LYS A 92 22.63 21.66 6.52
CA LYS A 92 23.99 21.55 7.10
C LYS A 92 24.64 20.22 6.68
N ILE A 93 23.89 19.13 6.79
CA ILE A 93 24.41 17.82 6.41
C ILE A 93 24.80 17.79 4.94
N ALA A 94 23.91 18.28 4.06
CA ALA A 94 24.16 18.34 2.63
C ALA A 94 25.51 18.99 2.30
N VAL A 95 25.93 20.00 3.09
CA VAL A 95 27.08 20.79 2.69
C VAL A 95 28.32 19.92 2.73
N PHE A 96 28.33 18.92 3.63
CA PHE A 96 29.48 18.04 3.74
C PHE A 96 29.39 16.85 2.83
N PHE A 97 28.17 16.37 2.55
CA PHE A 97 27.99 15.13 1.83
C PHE A 97 27.42 15.34 0.44
N GLN A 98 27.52 16.55 -0.08
CA GLN A 98 27.42 16.83 -1.52
C GLN A 98 28.31 18.04 -1.80
N ASP B 9 30.87 -5.80 11.17
CA ASP B 9 31.57 -4.69 10.55
C ASP B 9 30.81 -4.06 9.38
N ASN B 10 30.80 -2.73 9.32
CA ASN B 10 29.81 -2.00 8.53
C ASN B 10 30.33 -1.53 7.17
N VAL B 11 29.39 -1.25 6.26
CA VAL B 11 29.72 -0.68 4.96
C VAL B 11 28.62 0.29 4.55
N ILE B 12 28.98 1.29 3.76
CA ILE B 12 27.96 2.16 3.17
C ILE B 12 27.59 1.70 1.76
N LEU B 13 26.29 1.57 1.50
CA LEU B 13 25.81 1.29 0.15
C LEU B 13 25.24 2.61 -0.35
N GLU B 14 25.68 3.10 -1.50
CA GLU B 14 25.19 4.42 -1.92
C GLU B 14 24.30 4.32 -3.17
N LEU B 15 23.03 4.78 -3.06
CA LEU B 15 22.10 4.70 -4.19
C LEU B 15 21.86 6.08 -4.78
N THR B 16 21.83 6.18 -6.09
CA THR B 16 21.17 7.31 -6.72
C THR B 16 19.79 6.82 -7.15
N VAL B 17 18.72 7.49 -6.70
CA VAL B 17 17.37 7.02 -6.99
C VAL B 17 16.52 8.18 -7.50
N ARG B 18 15.36 7.82 -8.10
CA ARG B 18 14.39 8.83 -8.48
C ARG B 18 13.78 9.46 -7.22
N ASN B 19 13.67 10.76 -7.19
CA ASN B 19 13.09 11.37 -5.96
C ASN B 19 11.56 11.47 -6.15
N HIS B 20 10.87 10.37 -5.84
CA HIS B 20 9.45 10.14 -6.04
C HIS B 20 8.92 9.37 -4.85
N PRO B 21 7.63 9.49 -4.58
CA PRO B 21 7.04 8.73 -3.46
C PRO B 21 7.15 7.23 -3.61
N GLY B 22 7.29 6.55 -2.46
CA GLY B 22 7.36 5.07 -2.48
C GLY B 22 8.72 4.49 -2.84
N VAL B 23 9.63 5.30 -3.37
CA VAL B 23 10.96 4.78 -3.75
C VAL B 23 11.70 4.22 -2.53
N MET B 24 11.71 4.96 -1.41
CA MET B 24 12.40 4.47 -0.23
C MET B 24 11.69 3.28 0.40
N THR B 25 10.36 3.19 0.25
CA THR B 25 9.69 1.95 0.64
C THR B 25 10.18 0.75 -0.16
N HIS B 26 10.31 0.88 -1.49
CA HIS B 26 10.81 -0.22 -2.33
C HIS B 26 12.23 -0.65 -1.93
N VAL B 27 13.14 0.32 -1.72
CA VAL B 27 14.51 -0.01 -1.33
C VAL B 27 14.54 -0.72 0.02
N CYS B 28 13.93 -0.10 1.06
CA CYS B 28 14.01 -0.68 2.40
C CYS B 28 13.25 -1.99 2.47
N GLY B 29 12.17 -2.11 1.71
CA GLY B 29 11.48 -3.39 1.59
C GLY B 29 12.37 -4.56 1.23
N LEU B 30 13.32 -4.37 0.31
CA LEU B 30 14.27 -5.45 0.03
C LEU B 30 14.98 -5.92 1.27
N PHE B 31 15.37 -4.98 2.16
CA PHE B 31 16.08 -5.38 3.38
C PHE B 31 15.10 -6.03 4.34
N ALA B 32 13.93 -5.41 4.52
CA ALA B 32 12.91 -5.98 5.41
C ALA B 32 12.56 -7.42 5.02
N ARG B 33 12.39 -7.70 3.73
CA ARG B 33 12.05 -9.06 3.29
C ARG B 33 13.14 -10.08 3.55
N ARG B 34 14.29 -9.67 4.09
CA ARG B 34 15.35 -10.59 4.51
C ARG B 34 15.68 -10.49 5.98
N ALA B 35 14.87 -9.75 6.77
CA ALA B 35 15.17 -9.49 8.17
C ALA B 35 16.58 -8.90 8.33
N PHE B 36 16.96 -8.05 7.39
CA PHE B 36 18.29 -7.45 7.32
C PHE B 36 18.16 -6.04 7.85
N ASN B 37 18.78 -5.76 8.97
CA ASN B 37 18.58 -4.47 9.59
C ASN B 37 19.44 -3.40 8.91
N VAL B 38 18.91 -2.19 8.81
CA VAL B 38 19.64 -1.02 8.32
C VAL B 38 20.06 -0.16 9.51
N GLU B 39 21.35 0.13 9.63
CA GLU B 39 21.80 0.78 10.85
C GLU B 39 21.76 2.29 10.75
N GLY B 40 21.96 2.82 9.57
CA GLY B 40 22.07 4.25 9.34
C GLY B 40 21.53 4.50 7.95
N ILE B 41 20.84 5.63 7.80
CA ILE B 41 20.36 6.14 6.55
C ILE B 41 20.61 7.63 6.47
N LEU B 42 20.97 8.06 5.28
CA LEU B 42 20.91 9.44 4.88
C LEU B 42 20.31 9.47 3.50
N CYS B 43 19.31 10.35 3.32
CA CYS B 43 18.77 10.58 2.00
C CYS B 43 18.72 12.06 1.74
N LEU B 44 19.28 12.49 0.64
CA LEU B 44 19.29 13.88 0.32
C LEU B 44 18.93 14.04 -1.14
N PRO B 45 18.15 15.06 -1.47
CA PRO B 45 17.86 15.34 -2.88
C PRO B 45 19.06 15.97 -3.58
N ILE B 46 19.24 15.59 -4.86
CA ILE B 46 20.29 16.13 -5.72
C ILE B 46 19.73 17.36 -6.42
N GLN B 47 20.34 18.52 -6.18
CA GLN B 47 19.75 19.78 -6.62
C GLN B 47 19.70 19.86 -8.14
N ASP B 48 18.68 20.55 -8.64
CA ASP B 48 18.44 20.72 -10.07
C ASP B 48 18.34 19.36 -10.76
N SER B 49 17.60 18.45 -10.13
CA SER B 49 17.40 17.12 -10.70
C SER B 49 16.15 16.52 -10.06
N ASP B 50 15.78 15.35 -10.56
CA ASP B 50 14.65 14.58 -10.04
C ASP B 50 15.13 13.39 -9.24
N LYS B 51 16.40 13.37 -8.87
CA LYS B 51 17.04 12.27 -8.18
C LYS B 51 17.43 12.67 -6.76
N SER B 52 17.61 11.67 -5.90
CA SER B 52 18.19 11.84 -4.58
C SER B 52 19.28 10.79 -4.41
N HIS B 53 20.20 11.08 -3.47
CA HIS B 53 21.21 10.14 -3.00
C HIS B 53 20.73 9.54 -1.71
N ILE B 54 20.89 8.24 -1.61
CA ILE B 54 20.66 7.51 -0.39
C ILE B 54 21.96 6.84 -0.01
N TRP B 55 22.39 7.03 1.25
CA TRP B 55 23.47 6.28 1.90
C TRP B 55 22.88 5.36 2.94
N LEU B 56 23.23 4.08 2.85
CA LEU B 56 22.75 3.08 3.79
C LEU B 56 23.93 2.42 4.46
N LEU B 57 23.92 2.45 5.79
CA LEU B 57 24.98 1.89 6.60
C LEU B 57 24.48 0.53 7.03
N VAL B 58 25.12 -0.52 6.54
CA VAL B 58 24.72 -1.87 6.86
C VAL B 58 25.94 -2.72 7.17
N ASN B 59 25.69 -3.83 7.85
CA ASN B 59 26.66 -4.88 8.02
C ASN B 59 27.12 -5.45 6.67
N ASP B 60 28.43 -5.43 6.44
CA ASP B 60 28.97 -6.09 5.26
C ASP B 60 28.67 -7.57 5.38
N ASP B 61 28.02 -8.13 4.39
CA ASP B 61 27.36 -9.38 4.61
C ASP B 61 27.39 -10.16 3.30
N GLN B 62 27.66 -11.46 3.39
CA GLN B 62 27.42 -12.35 2.27
C GLN B 62 26.03 -12.10 1.65
N ARG B 63 25.01 -11.90 2.50
CA ARG B 63 23.68 -11.57 2.00
C ARG B 63 23.67 -10.27 1.20
N LEU B 64 24.55 -9.34 1.55
CA LEU B 64 24.49 -8.06 0.87
C LEU B 64 24.95 -8.18 -0.58
N GLU B 65 25.69 -9.24 -0.93
CA GLU B 65 25.99 -9.56 -2.33
C GLU B 65 24.72 -9.86 -3.13
N GLN B 66 23.94 -10.85 -2.67
CA GLN B 66 22.70 -11.16 -3.40
C GLN B 66 21.77 -9.95 -3.45
N MET B 67 21.76 -9.15 -2.39
CA MET B 67 20.84 -8.01 -2.37
C MET B 67 21.25 -6.95 -3.38
N ILE B 68 22.55 -6.83 -3.64
CA ILE B 68 23.00 -5.67 -4.41
C ILE B 68 22.44 -5.72 -5.83
N SER B 69 22.43 -6.90 -6.47
CA SER B 69 21.83 -7.01 -7.80
C SER B 69 20.32 -6.77 -7.75
N GLN B 70 19.66 -7.19 -6.65
CA GLN B 70 18.23 -6.88 -6.51
C GLN B 70 17.99 -5.39 -6.45
N ILE B 71 18.76 -4.67 -5.64
CA ILE B 71 18.60 -3.23 -5.57
C ILE B 71 18.85 -2.59 -6.94
N ASP B 72 19.97 -2.93 -7.60
CA ASP B 72 20.26 -2.35 -8.90
C ASP B 72 19.11 -2.55 -9.89
N LYS B 73 18.52 -3.73 -9.89
CA LYS B 73 17.38 -4.03 -10.78
C LYS B 73 16.12 -3.18 -10.50
N LEU B 74 16.02 -2.51 -9.33
CA LEU B 74 14.82 -1.70 -9.10
C LEU B 74 14.70 -0.63 -10.18
N GLU B 75 13.49 -0.44 -10.72
CA GLU B 75 13.33 0.53 -11.81
C GLU B 75 13.78 1.93 -11.38
N ASP B 76 13.51 2.30 -10.17
CA ASP B 76 13.81 3.62 -9.65
C ASP B 76 15.22 3.79 -9.07
N VAL B 77 16.05 2.75 -9.03
CA VAL B 77 17.40 2.92 -8.49
C VAL B 77 18.27 3.15 -9.70
N VAL B 78 18.87 4.34 -9.76
CA VAL B 78 19.61 4.73 -10.95
C VAL B 78 21.02 4.12 -10.94
N LYS B 79 21.63 4.01 -9.77
CA LYS B 79 23.01 3.52 -9.63
C LYS B 79 23.21 3.05 -8.21
N VAL B 80 24.03 2.01 -8.08
CA VAL B 80 24.38 1.47 -6.76
C VAL B 80 25.90 1.58 -6.61
N GLN B 81 26.38 2.10 -5.50
CA GLN B 81 27.84 2.07 -5.30
C GLN B 81 28.08 1.47 -3.93
N ARG B 82 29.12 0.73 -3.78
CA ARG B 82 29.28 0.12 -2.47
C ARG B 82 30.71 0.35 -1.98
N ASN B 83 30.86 0.75 -0.72
CA ASN B 83 32.18 0.87 -0.04
C ASN B 83 32.98 2.06 -0.56
N GLN B 84 32.31 3.04 -1.13
CA GLN B 84 32.96 4.23 -1.66
C GLN B 84 32.81 5.44 -0.74
N SER B 85 32.14 5.31 0.38
CA SER B 85 32.07 6.36 1.37
C SER B 85 32.55 5.74 2.68
N ASP B 86 33.42 6.45 3.37
CA ASP B 86 33.94 5.96 4.63
C ASP B 86 32.76 5.82 5.59
N PRO B 87 32.60 4.68 6.29
CA PRO B 87 31.41 4.50 7.16
C PRO B 87 31.34 5.47 8.33
N THR B 88 32.47 6.09 8.67
CA THR B 88 32.45 7.06 9.77
C THR B 88 31.62 8.31 9.47
N MET B 89 31.21 8.57 8.23
CA MET B 89 30.36 9.73 7.97
C MET B 89 29.19 9.78 8.96
N PHE B 90 28.68 8.61 9.33
CA PHE B 90 27.57 8.49 10.25
C PHE B 90 27.99 8.81 11.70
N ASN B 91 29.23 8.48 12.10
CA ASN B 91 29.71 8.93 13.40
C ASN B 91 29.89 10.44 13.41
N LYS B 92 30.33 11.01 12.29
CA LYS B 92 30.53 12.46 12.25
C LYS B 92 29.21 13.19 12.39
N ILE B 93 28.21 12.72 11.65
CA ILE B 93 26.90 13.34 11.74
C ILE B 93 26.40 13.21 13.15
N ALA B 94 26.57 12.05 13.76
CA ALA B 94 25.96 11.72 15.05
C ALA B 94 26.46 12.61 16.17
N VAL B 95 27.70 13.10 16.09
CA VAL B 95 28.17 13.92 17.18
C VAL B 95 27.33 15.18 17.32
N PHE B 96 26.38 15.41 16.44
CA PHE B 96 25.54 16.59 16.52
C PHE B 96 24.05 16.28 16.66
N PHE B 97 23.64 15.13 17.24
CA PHE B 97 22.19 14.86 17.23
C PHE B 97 21.63 14.11 18.43
N GLN B 98 20.53 14.67 18.97
CA GLN B 98 19.54 14.05 19.86
C GLN B 98 18.12 14.45 19.39
N HIS C 8 -8.44 -26.44 -14.03
CA HIS C 8 -8.86 -26.02 -12.70
C HIS C 8 -10.36 -26.21 -12.49
N ASP C 9 -10.81 -26.07 -11.24
CA ASP C 9 -12.20 -26.31 -10.87
C ASP C 9 -12.95 -25.02 -10.56
N ASN C 10 -12.62 -23.94 -11.24
CA ASN C 10 -13.27 -22.67 -11.00
C ASN C 10 -13.89 -22.12 -12.28
N VAL C 11 -14.93 -21.31 -12.11
CA VAL C 11 -15.64 -20.70 -13.22
C VAL C 11 -15.72 -19.22 -12.99
N ILE C 12 -15.74 -18.46 -14.07
CA ILE C 12 -16.05 -17.02 -13.99
C ILE C 12 -17.55 -16.83 -14.29
N LEU C 13 -18.28 -16.16 -13.39
CA LEU C 13 -19.60 -15.62 -13.68
C LEU C 13 -19.43 -14.16 -14.08
N GLU C 14 -20.03 -13.78 -15.19
CA GLU C 14 -20.09 -12.38 -15.59
C GLU C 14 -21.54 -11.86 -15.50
N LEU C 15 -21.70 -10.73 -14.83
CA LEU C 15 -22.98 -10.10 -14.56
C LEU C 15 -22.94 -8.68 -15.12
N THR C 16 -24.05 -8.22 -15.64
CA THR C 16 -24.24 -6.82 -15.97
C THR C 16 -25.28 -6.35 -14.94
N VAL C 17 -24.89 -5.41 -14.07
CA VAL C 17 -25.77 -4.98 -13.01
C VAL C 17 -26.01 -3.48 -13.12
N ARG C 18 -27.05 -3.02 -12.43
CA ARG C 18 -27.24 -1.59 -12.30
C ARG C 18 -26.18 -1.07 -11.32
N ASN C 19 -25.58 0.04 -11.66
CA ASN C 19 -24.49 0.65 -10.87
C ASN C 19 -25.07 1.62 -9.81
N HIS C 20 -25.54 1.05 -8.70
CA HIS C 20 -26.21 1.78 -7.61
C HIS C 20 -25.88 1.05 -6.32
N PRO C 21 -26.06 1.72 -5.17
CA PRO C 21 -25.67 1.11 -3.90
C PRO C 21 -26.43 -0.18 -3.56
N GLY C 22 -25.74 -1.07 -2.87
CA GLY C 22 -26.36 -2.28 -2.37
C GLY C 22 -26.42 -3.40 -3.39
N VAL C 23 -26.13 -3.11 -4.66
CA VAL C 23 -26.20 -4.16 -5.67
C VAL C 23 -25.15 -5.23 -5.41
N MET C 24 -23.89 -4.83 -5.14
CA MET C 24 -22.89 -5.82 -4.83
C MET C 24 -23.24 -6.60 -3.56
N THR C 25 -23.76 -5.89 -2.53
CA THR C 25 -24.14 -6.56 -1.29
C THR C 25 -25.21 -7.63 -1.56
N HIS C 26 -26.21 -7.27 -2.36
CA HIS C 26 -27.22 -8.28 -2.71
C HIS C 26 -26.61 -9.47 -3.46
N VAL C 27 -25.68 -9.22 -4.39
CA VAL C 27 -25.14 -10.35 -5.17
C VAL C 27 -24.30 -11.26 -4.30
N CYS C 28 -23.29 -10.68 -3.60
CA CYS C 28 -22.48 -11.50 -2.71
C CYS C 28 -23.27 -12.08 -1.56
N GLY C 29 -24.32 -11.39 -1.09
CA GLY C 29 -25.10 -11.97 -0.02
C GLY C 29 -25.74 -13.30 -0.38
N LEU C 30 -25.97 -13.57 -1.67
CA LEU C 30 -26.52 -14.88 -2.05
C LEU C 30 -25.50 -15.98 -1.80
N PHE C 31 -24.24 -15.74 -2.17
CA PHE C 31 -23.19 -16.68 -1.81
C PHE C 31 -23.05 -16.76 -0.30
N ALA C 32 -22.95 -15.60 0.35
CA ALA C 32 -22.72 -15.58 1.79
C ALA C 32 -23.74 -16.41 2.54
N ARG C 33 -25.01 -16.39 2.06
CA ARG C 33 -26.08 -17.02 2.84
C ARG C 33 -25.97 -18.53 2.83
N ARG C 34 -25.26 -19.06 1.84
CA ARG C 34 -25.01 -20.50 1.75
C ARG C 34 -23.56 -20.87 2.13
N ALA C 35 -22.83 -19.94 2.75
CA ALA C 35 -21.42 -20.16 3.14
C ALA C 35 -20.58 -20.54 1.93
N PHE C 36 -20.85 -19.86 0.84
CA PHE C 36 -20.21 -20.12 -0.44
C PHE C 36 -19.18 -19.02 -0.67
N ASN C 37 -17.88 -19.38 -0.64
CA ASN C 37 -16.83 -18.38 -0.78
C ASN C 37 -16.74 -17.87 -2.20
N VAL C 38 -16.64 -16.55 -2.36
CA VAL C 38 -16.26 -15.95 -3.64
C VAL C 38 -14.73 -15.73 -3.68
N GLU C 39 -14.08 -16.26 -4.74
CA GLU C 39 -12.60 -16.24 -4.73
C GLU C 39 -11.99 -14.98 -5.28
N GLY C 40 -12.57 -14.41 -6.31
CA GLY C 40 -12.05 -13.18 -6.90
C GLY C 40 -13.24 -12.41 -7.41
N ILE C 41 -13.10 -11.10 -7.46
CA ILE C 41 -14.15 -10.20 -7.91
C ILE C 41 -13.50 -9.08 -8.71
N LEU C 42 -14.13 -8.69 -9.79
CA LEU C 42 -13.79 -7.43 -10.44
C LEU C 42 -15.09 -6.79 -10.82
N CYS C 43 -15.24 -5.54 -10.42
CA CYS C 43 -16.41 -4.76 -10.79
C CYS C 43 -15.90 -3.48 -11.42
N LEU C 44 -16.35 -3.19 -12.61
CA LEU C 44 -16.01 -2.02 -13.38
C LEU C 44 -17.26 -1.37 -13.95
N PRO C 45 -17.32 -0.05 -13.93
CA PRO C 45 -18.45 0.65 -14.52
C PRO C 45 -18.38 0.57 -16.04
N ILE C 46 -19.53 0.70 -16.69
CA ILE C 46 -19.62 0.64 -18.14
C ILE C 46 -19.80 2.06 -18.65
N GLN C 47 -18.84 2.55 -19.43
CA GLN C 47 -18.85 3.94 -19.88
C GLN C 47 -20.18 4.33 -20.53
N ASP C 48 -20.63 5.56 -20.26
CA ASP C 48 -21.87 6.14 -20.81
C ASP C 48 -23.09 5.26 -20.54
N SER C 49 -23.31 4.97 -19.26
CA SER C 49 -24.28 3.98 -18.86
C SER C 49 -24.45 4.01 -17.34
N ASP C 50 -25.60 3.50 -16.90
CA ASP C 50 -25.96 3.30 -15.50
C ASP C 50 -25.65 1.88 -15.03
N LYS C 51 -24.88 1.11 -15.80
CA LYS C 51 -24.60 -0.28 -15.49
C LYS C 51 -23.12 -0.44 -15.19
N SER C 52 -22.79 -1.56 -14.51
CA SER C 52 -21.42 -2.04 -14.31
C SER C 52 -21.35 -3.51 -14.71
N HIS C 53 -20.13 -3.97 -15.03
CA HIS C 53 -19.83 -5.40 -15.20
C HIS C 53 -19.19 -5.96 -13.93
N ILE C 54 -19.69 -7.12 -13.50
CA ILE C 54 -19.07 -7.86 -12.39
C ILE C 54 -18.56 -9.20 -12.88
N TRP C 55 -17.29 -9.49 -12.58
CA TRP C 55 -16.77 -10.83 -12.82
C TRP C 55 -16.52 -11.47 -11.47
N LEU C 56 -17.00 -12.70 -11.31
CA LEU C 56 -16.92 -13.43 -10.05
C LEU C 56 -16.17 -14.72 -10.36
N LEU C 57 -15.06 -14.95 -9.67
CA LEU C 57 -14.39 -16.23 -9.76
C LEU C 57 -14.91 -17.08 -8.61
N VAL C 58 -15.49 -18.24 -8.94
CA VAL C 58 -16.07 -19.15 -7.95
C VAL C 58 -15.71 -20.59 -8.28
N ASN C 59 -15.74 -21.41 -7.25
CA ASN C 59 -15.53 -22.82 -7.42
C ASN C 59 -16.69 -23.40 -8.23
N ASP C 60 -16.36 -24.15 -9.29
CA ASP C 60 -17.38 -24.82 -10.06
C ASP C 60 -18.00 -25.89 -9.17
N ASP C 61 -19.24 -25.66 -8.78
CA ASP C 61 -19.90 -26.40 -7.73
C ASP C 61 -21.29 -26.78 -8.24
N GLN C 62 -21.82 -27.93 -7.79
CA GLN C 62 -23.16 -28.24 -8.27
C GLN C 62 -24.18 -27.22 -7.78
N ARG C 63 -23.93 -26.60 -6.61
CA ARG C 63 -24.78 -25.52 -6.09
C ARG C 63 -24.79 -24.27 -6.96
N LEU C 64 -23.99 -24.19 -8.01
CA LEU C 64 -23.89 -22.96 -8.78
C LEU C 64 -25.11 -22.72 -9.67
N GLU C 65 -25.67 -23.79 -10.24
CA GLU C 65 -26.84 -23.63 -11.08
C GLU C 65 -27.96 -22.93 -10.31
N GLN C 66 -28.22 -23.38 -9.09
CA GLN C 66 -29.17 -22.71 -8.21
C GLN C 66 -28.73 -21.27 -7.92
N MET C 67 -27.44 -21.07 -7.63
CA MET C 67 -26.95 -19.74 -7.30
C MET C 67 -27.20 -18.77 -8.44
N ILE C 68 -26.90 -19.20 -9.66
CA ILE C 68 -27.04 -18.37 -10.86
C ILE C 68 -28.51 -17.98 -11.08
N SER C 69 -29.42 -18.94 -10.98
CA SER C 69 -30.81 -18.50 -11.17
C SER C 69 -31.24 -17.54 -10.06
N GLN C 70 -30.71 -17.69 -8.83
CA GLN C 70 -31.11 -16.72 -7.80
C GLN C 70 -30.53 -15.34 -8.07
N ILE C 71 -29.34 -15.30 -8.64
CA ILE C 71 -28.73 -14.02 -9.02
C ILE C 71 -29.54 -13.36 -10.11
N ASP C 72 -29.99 -14.16 -11.07
CA ASP C 72 -30.70 -13.63 -12.19
C ASP C 72 -32.03 -13.01 -11.75
N LYS C 73 -32.70 -13.61 -10.76
CA LYS C 73 -33.96 -13.05 -10.28
C LYS C 73 -33.79 -11.70 -9.57
N LEU C 74 -32.58 -11.31 -9.19
CA LEU C 74 -32.36 -9.99 -8.60
C LEU C 74 -32.75 -8.91 -9.59
N GLU C 75 -33.57 -7.96 -9.14
CA GLU C 75 -34.01 -6.90 -10.05
C GLU C 75 -32.82 -6.10 -10.59
N ASP C 76 -31.73 -6.04 -9.82
CA ASP C 76 -30.61 -5.20 -10.19
C ASP C 76 -29.65 -5.88 -11.13
N VAL C 77 -29.73 -7.20 -11.25
CA VAL C 77 -28.90 -7.98 -12.18
C VAL C 77 -29.63 -8.03 -13.52
N VAL C 78 -29.07 -7.39 -14.53
CA VAL C 78 -29.78 -7.42 -15.80
C VAL C 78 -29.43 -8.67 -16.55
N LYS C 79 -28.26 -9.27 -16.30
CA LYS C 79 -27.90 -10.47 -17.05
C LYS C 79 -26.82 -11.19 -16.29
N VAL C 80 -26.83 -12.52 -16.39
CA VAL C 80 -25.72 -13.28 -15.76
C VAL C 80 -25.42 -14.48 -16.63
N GLN C 81 -24.13 -14.75 -16.84
CA GLN C 81 -23.74 -15.87 -17.68
C GLN C 81 -22.43 -16.43 -17.19
N ARG C 82 -22.18 -17.71 -17.45
CA ARG C 82 -21.00 -18.37 -16.93
C ARG C 82 -20.02 -18.67 -18.04
N ASN C 83 -18.78 -18.97 -17.62
CA ASN C 83 -17.73 -19.55 -18.47
C ASN C 83 -17.48 -18.76 -19.75
N GLN C 84 -18.13 -17.60 -19.89
CA GLN C 84 -17.97 -16.74 -21.05
C GLN C 84 -16.89 -15.69 -20.83
N SER C 85 -15.90 -16.00 -19.99
CA SER C 85 -14.71 -15.18 -19.80
C SER C 85 -13.53 -16.10 -19.49
N ASP C 86 -12.36 -15.75 -20.06
CA ASP C 86 -10.99 -16.19 -19.75
C ASP C 86 -10.83 -16.77 -18.34
N PRO C 87 -10.77 -18.10 -18.23
CA PRO C 87 -10.74 -18.76 -16.90
C PRO C 87 -9.70 -18.21 -15.96
N THR C 88 -8.59 -17.71 -16.49
CA THR C 88 -7.46 -17.22 -15.71
C THR C 88 -7.41 -15.71 -15.62
N MET C 89 -8.54 -15.00 -15.83
CA MET C 89 -8.41 -13.55 -15.95
C MET C 89 -7.92 -12.93 -14.66
N PHE C 90 -8.14 -13.59 -13.52
CA PHE C 90 -7.68 -13.03 -12.25
C PHE C 90 -6.21 -13.34 -11.99
N ASN C 91 -5.70 -14.46 -12.52
CA ASN C 91 -4.24 -14.67 -12.46
C ASN C 91 -3.51 -13.60 -13.24
N LYS C 92 -4.11 -13.18 -14.36
CA LYS C 92 -3.54 -12.13 -15.21
C LYS C 92 -3.48 -10.80 -14.46
N ILE C 93 -4.59 -10.39 -13.86
CA ILE C 93 -4.63 -9.17 -13.05
C ILE C 93 -3.63 -9.26 -11.92
N ALA C 94 -3.62 -10.39 -11.20
CA ALA C 94 -2.69 -10.57 -10.08
C ALA C 94 -1.26 -10.18 -10.46
N VAL C 95 -0.79 -10.60 -11.64
CA VAL C 95 0.60 -10.29 -11.96
C VAL C 95 0.83 -8.81 -12.22
N PHE C 96 -0.21 -8.02 -12.48
CA PHE C 96 -0.04 -6.59 -12.68
C PHE C 96 -0.04 -5.80 -11.39
N PHE C 97 0.12 -6.45 -10.26
CA PHE C 97 0.41 -5.71 -9.04
C PHE C 97 1.55 -6.30 -8.22
N GLN C 98 1.93 -7.56 -8.45
CA GLN C 98 3.06 -8.23 -7.77
C GLN C 98 3.17 -7.93 -6.25
N ASP D 9 -13.96 13.73 -7.47
CA ASP D 9 -12.69 13.12 -7.07
C ASP D 9 -12.90 11.73 -6.49
N ASN D 10 -11.97 10.82 -6.75
CA ASN D 10 -12.08 9.45 -6.31
C ASN D 10 -10.92 9.07 -5.41
N VAL D 11 -11.19 8.16 -4.49
CA VAL D 11 -10.24 7.65 -3.52
C VAL D 11 -10.31 6.14 -3.56
N ILE D 12 -9.15 5.50 -3.36
CA ILE D 12 -9.03 4.05 -3.37
C ILE D 12 -8.75 3.56 -1.96
N LEU D 13 -9.51 2.55 -1.55
CA LEU D 13 -9.37 1.96 -0.24
C LEU D 13 -8.80 0.57 -0.42
N GLU D 14 -7.79 0.23 0.34
CA GLU D 14 -7.12 -1.05 0.22
C GLU D 14 -7.32 -1.83 1.49
N LEU D 15 -7.89 -3.01 1.36
CA LEU D 15 -8.23 -3.83 2.50
C LEU D 15 -7.47 -5.13 2.42
N THR D 16 -7.15 -5.65 3.59
CA THR D 16 -6.68 -7.01 3.73
C THR D 16 -7.70 -7.68 4.60
N VAL D 17 -8.32 -8.74 4.09
CA VAL D 17 -9.45 -9.35 4.76
C VAL D 17 -9.19 -10.85 4.82
N ARG D 18 -9.89 -11.52 5.71
CA ARG D 18 -9.91 -12.98 5.65
C ARG D 18 -10.73 -13.43 4.45
N ASN D 19 -10.23 -14.45 3.74
CA ASN D 19 -10.87 -14.92 2.50
C ASN D 19 -11.92 -15.96 2.87
N HIS D 20 -12.98 -15.48 3.55
CA HIS D 20 -14.06 -16.33 4.02
C HIS D 20 -15.40 -15.82 3.46
N PRO D 21 -16.43 -16.71 3.39
CA PRO D 21 -17.75 -16.27 2.88
C PRO D 21 -18.27 -15.03 3.60
N GLY D 22 -19.00 -14.18 2.85
CA GLY D 22 -19.69 -13.06 3.46
C GLY D 22 -18.86 -11.86 3.82
N VAL D 23 -17.51 -11.93 3.70
CA VAL D 23 -16.72 -10.73 3.95
C VAL D 23 -17.14 -9.61 3.01
N MET D 24 -17.19 -9.90 1.70
CA MET D 24 -17.50 -8.85 0.74
C MET D 24 -18.91 -8.32 0.97
N THR D 25 -19.82 -9.21 1.36
CA THR D 25 -21.19 -8.79 1.67
C THR D 25 -21.18 -7.78 2.83
N HIS D 26 -20.40 -8.04 3.90
CA HIS D 26 -20.38 -7.11 5.05
C HIS D 26 -19.68 -5.80 4.72
N VAL D 27 -18.59 -5.87 3.95
CA VAL D 27 -17.90 -4.63 3.55
C VAL D 27 -18.82 -3.77 2.70
N CYS D 28 -19.37 -4.32 1.61
CA CYS D 28 -20.23 -3.50 0.75
C CYS D 28 -21.50 -3.05 1.47
N GLY D 29 -22.01 -3.86 2.40
CA GLY D 29 -23.26 -3.48 3.08
C GLY D 29 -23.09 -2.22 3.90
N LEU D 30 -21.84 -1.94 4.37
CA LEU D 30 -21.57 -0.73 5.12
C LEU D 30 -21.78 0.51 4.26
N PHE D 31 -21.37 0.43 3.00
CA PHE D 31 -21.69 1.45 2.01
C PHE D 31 -23.18 1.44 1.65
N ALA D 32 -23.70 0.25 1.33
CA ALA D 32 -25.14 0.12 1.03
C ALA D 32 -26.02 0.76 2.10
N ARG D 33 -25.69 0.50 3.39
CA ARG D 33 -26.49 1.03 4.49
C ARG D 33 -26.58 2.53 4.49
N ARG D 34 -25.72 3.20 3.75
CA ARG D 34 -25.80 4.66 3.64
C ARG D 34 -26.07 5.12 2.22
N ALA D 35 -26.48 4.22 1.31
CA ALA D 35 -26.71 4.60 -0.08
C ALA D 35 -25.46 5.26 -0.64
N PHE D 36 -24.31 4.72 -0.26
CA PHE D 36 -23.01 5.14 -0.72
C PHE D 36 -22.55 4.17 -1.82
N ASN D 37 -22.43 4.67 -3.04
CA ASN D 37 -22.13 3.78 -4.17
C ASN D 37 -20.63 3.41 -4.19
N VAL D 38 -20.32 2.14 -4.52
CA VAL D 38 -18.96 1.69 -4.80
C VAL D 38 -18.75 1.63 -6.30
N GLU D 39 -17.66 2.24 -6.79
CA GLU D 39 -17.52 2.46 -8.21
CA GLU D 39 -17.52 2.45 -8.22
C GLU D 39 -16.68 1.37 -8.89
N GLY D 40 -15.57 0.93 -8.28
CA GLY D 40 -14.84 -0.21 -8.78
C GLY D 40 -14.51 -1.11 -7.60
N ILE D 41 -14.34 -2.39 -7.91
CA ILE D 41 -13.92 -3.36 -6.89
C ILE D 41 -12.91 -4.31 -7.48
N LEU D 42 -11.80 -4.56 -6.79
CA LEU D 42 -11.01 -5.74 -7.14
C LEU D 42 -10.78 -6.57 -5.90
N CYS D 43 -10.97 -7.87 -6.00
CA CYS D 43 -10.67 -8.75 -4.89
C CYS D 43 -9.80 -9.89 -5.37
N LEU D 44 -8.63 -10.07 -4.73
CA LEU D 44 -7.65 -11.10 -5.16
C LEU D 44 -7.21 -11.93 -3.95
N PRO D 45 -7.29 -13.25 -4.02
CA PRO D 45 -6.77 -14.04 -2.91
C PRO D 45 -5.25 -13.91 -2.88
N ILE D 46 -4.69 -13.87 -1.68
CA ILE D 46 -3.23 -13.88 -1.52
C ILE D 46 -2.80 -15.33 -1.47
N GLN D 47 -1.84 -15.68 -2.32
CA GLN D 47 -1.46 -17.07 -2.52
C GLN D 47 -0.90 -17.69 -1.25
N ASP D 48 -1.21 -18.97 -1.05
CA ASP D 48 -0.72 -19.78 0.09
C ASP D 48 -0.97 -19.06 1.42
N SER D 49 -2.24 -18.76 1.65
CA SER D 49 -2.62 -17.82 2.69
C SER D 49 -4.13 -17.83 2.80
N ASP D 50 -4.62 -17.44 3.98
CA ASP D 50 -6.06 -17.39 4.22
C ASP D 50 -6.62 -16.00 3.98
N LYS D 51 -5.90 -15.15 3.26
CA LYS D 51 -6.31 -13.77 3.15
C LYS D 51 -6.51 -13.39 1.71
N SER D 52 -7.17 -12.25 1.56
CA SER D 52 -7.39 -11.61 0.29
C SER D 52 -7.14 -10.13 0.39
N HIS D 53 -6.86 -9.51 -0.75
CA HIS D 53 -6.84 -8.06 -0.90
C HIS D 53 -8.08 -7.61 -1.65
N ILE D 54 -8.75 -6.58 -1.10
CA ILE D 54 -9.84 -5.91 -1.78
C ILE D 54 -9.43 -4.47 -2.01
N TRP D 55 -9.52 -4.01 -3.23
CA TRP D 55 -9.42 -2.59 -3.50
C TRP D 55 -10.80 -2.05 -3.84
N LEU D 56 -11.19 -0.95 -3.21
CA LEU D 56 -12.48 -0.35 -3.48
C LEU D 56 -12.24 1.03 -4.03
N LEU D 57 -12.84 1.36 -5.17
CA LEU D 57 -12.84 2.74 -5.63
C LEU D 57 -14.18 3.37 -5.24
N VAL D 58 -14.13 4.46 -4.49
CA VAL D 58 -15.33 5.11 -3.96
C VAL D 58 -15.14 6.60 -4.11
N ASN D 59 -16.22 7.31 -4.36
CA ASN D 59 -16.05 8.75 -4.44
C ASN D 59 -15.67 9.29 -3.07
N ASP D 60 -14.78 10.28 -3.07
CA ASP D 60 -14.40 10.88 -1.81
C ASP D 60 -15.65 11.50 -1.23
N ASP D 61 -15.86 11.30 0.06
CA ASP D 61 -17.14 11.65 0.65
C ASP D 61 -16.89 12.13 2.07
N GLN D 62 -17.82 12.95 2.57
CA GLN D 62 -17.80 13.30 3.98
C GLN D 62 -17.98 12.04 4.84
N ARG D 63 -18.72 11.06 4.35
CA ARG D 63 -19.00 9.89 5.17
C ARG D 63 -17.87 8.88 5.15
N LEU D 64 -16.81 9.15 4.37
CA LEU D 64 -15.80 8.13 4.10
C LEU D 64 -14.96 7.83 5.34
N GLU D 65 -14.64 8.83 6.16
CA GLU D 65 -13.77 8.47 7.29
C GLU D 65 -14.51 7.56 8.26
N GLN D 66 -15.81 7.74 8.44
CA GLN D 66 -16.52 6.86 9.35
C GLN D 66 -16.73 5.48 8.73
N MET D 67 -16.90 5.41 7.40
CA MET D 67 -16.89 4.11 6.75
C MET D 67 -15.62 3.37 7.06
N ILE D 68 -14.48 4.06 6.96
CA ILE D 68 -13.20 3.37 7.16
C ILE D 68 -13.14 2.76 8.55
N SER D 69 -13.52 3.55 9.56
CA SER D 69 -13.63 3.01 10.92
C SER D 69 -14.61 1.82 11.00
N GLN D 70 -15.70 1.85 10.25
CA GLN D 70 -16.62 0.71 10.36
C GLN D 70 -16.07 -0.52 9.68
N ILE D 71 -15.47 -0.37 8.50
CA ILE D 71 -14.77 -1.47 7.82
C ILE D 71 -13.77 -2.14 8.76
N ASP D 72 -13.00 -1.31 9.50
CA ASP D 72 -11.93 -1.82 10.35
C ASP D 72 -12.47 -2.62 11.52
N LYS D 73 -13.70 -2.30 11.98
CA LYS D 73 -14.34 -3.07 13.04
C LYS D 73 -14.84 -4.45 12.62
N LEU D 74 -15.02 -4.72 11.34
CA LEU D 74 -15.44 -6.07 11.00
C LEU D 74 -14.36 -7.06 11.47
N GLU D 75 -14.78 -8.18 12.05
CA GLU D 75 -13.78 -9.10 12.60
C GLU D 75 -12.96 -9.77 11.52
N ASP D 76 -13.52 -9.99 10.31
CA ASP D 76 -12.72 -10.56 9.22
C ASP D 76 -11.96 -9.50 8.39
N VAL D 77 -11.95 -8.24 8.80
CA VAL D 77 -11.12 -7.24 8.14
C VAL D 77 -9.90 -7.02 9.01
N VAL D 78 -8.74 -7.45 8.49
CA VAL D 78 -7.46 -7.33 9.18
C VAL D 78 -6.95 -5.91 9.11
N LYS D 79 -7.09 -5.24 7.98
CA LYS D 79 -6.58 -3.89 7.90
C LYS D 79 -7.29 -3.17 6.75
N VAL D 80 -7.54 -1.88 6.91
CA VAL D 80 -8.05 -1.07 5.83
C VAL D 80 -7.28 0.23 5.87
N GLN D 81 -7.00 0.82 4.70
CA GLN D 81 -6.31 2.10 4.67
C GLN D 81 -6.47 2.71 3.29
N ARG D 82 -6.22 4.01 3.21
CA ARG D 82 -6.22 4.63 1.90
C ARG D 82 -4.94 4.23 1.19
N ASN D 83 -5.04 3.98 -0.12
CA ASN D 83 -3.87 3.79 -0.99
C ASN D 83 -4.01 4.66 -2.24
N GLN D 84 -3.46 5.86 -2.19
CA GLN D 84 -3.49 6.76 -3.34
C GLN D 84 -2.27 6.58 -4.24
N SER D 85 -1.50 5.49 -4.07
CA SER D 85 -0.23 5.39 -4.81
C SER D 85 -0.46 5.09 -6.29
N ASP D 86 -1.68 4.74 -6.70
CA ASP D 86 -1.99 4.39 -8.09
C ASP D 86 -3.46 4.70 -8.33
N PRO D 87 -3.78 5.99 -8.44
CA PRO D 87 -5.21 6.40 -8.46
C PRO D 87 -5.97 5.89 -9.68
N THR D 88 -5.29 5.57 -10.78
CA THR D 88 -5.95 5.16 -12.02
C THR D 88 -5.93 3.63 -12.24
N MET D 89 -5.71 2.86 -11.17
CA MET D 89 -5.58 1.43 -11.32
C MET D 89 -6.79 0.82 -11.97
N PHE D 90 -8.00 1.38 -11.73
CA PHE D 90 -9.13 0.75 -12.37
C PHE D 90 -9.27 1.20 -13.81
N ASN D 91 -8.82 2.41 -14.16
CA ASN D 91 -8.75 2.78 -15.56
C ASN D 91 -7.74 1.88 -16.30
N LYS D 92 -6.65 1.50 -15.63
CA LYS D 92 -5.67 0.64 -16.26
C LYS D 92 -6.21 -0.78 -16.41
N ILE D 93 -6.81 -1.33 -15.35
CA ILE D 93 -7.46 -2.63 -15.47
C ILE D 93 -8.51 -2.60 -16.58
N ALA D 94 -9.26 -1.49 -16.70
CA ALA D 94 -10.26 -1.36 -17.78
C ALA D 94 -9.69 -1.42 -19.21
N VAL D 95 -8.39 -1.20 -19.44
CA VAL D 95 -7.90 -1.27 -20.83
C VAL D 95 -7.89 -2.72 -21.29
N PHE D 96 -7.80 -3.64 -20.34
CA PHE D 96 -7.92 -5.06 -20.58
C PHE D 96 -9.37 -5.53 -20.61
N PHE D 97 -10.22 -5.09 -19.62
CA PHE D 97 -11.52 -5.73 -19.37
C PHE D 97 -12.65 -4.78 -19.70
N GLN D 98 -13.24 -4.09 -18.73
CA GLN D 98 -14.43 -3.21 -18.88
C GLN D 98 -15.70 -3.80 -19.56
N VAL E . 16.76 -0.33 11.45
CA VAL E . 15.41 0.01 11.01
C VAL E . 15.11 -0.69 9.67
O VAL E . 16.02 -1.37 9.14
CB VAL E . 15.24 1.52 10.90
CG1 VAL E . 15.48 2.21 12.27
CG2 VAL E . 16.17 2.10 9.84
OXT VAL E . 14.00 -0.56 9.10
N VAL F . 11.42 10.65 -2.20
CA VAL F . 11.52 9.19 -2.08
C VAL F . 10.42 8.61 -1.29
O VAL F . 10.39 7.37 -1.13
CB VAL F . 12.90 8.72 -1.46
CG1 VAL F . 14.00 9.17 -2.39
CG2 VAL F . 13.13 9.21 0.05
OXT VAL F . 9.60 9.41 -0.76
N VAL G . -22.40 0.31 -7.42
CA VAL G . -22.64 -1.06 -7.02
C VAL G . -22.76 -1.26 -5.49
O VAL G . -22.32 -0.37 -4.77
CB VAL G . -21.54 -1.91 -7.67
CG1 VAL G . -20.58 -2.54 -6.66
CG2 VAL G . -22.16 -2.83 -8.68
OXT VAL G . -23.28 -2.25 -4.91
N VAL H . -14.17 -14.31 -0.05
CA VAL H . -14.91 -13.16 0.45
C VAL H . -16.40 -13.34 0.18
O VAL H . -16.81 -14.37 -0.40
CB VAL H . -14.37 -11.91 -0.15
CG1 VAL H . -12.86 -11.79 0.23
CG2 VAL H . -14.48 -12.01 -1.66
OXT VAL H . -17.17 -12.44 0.54
#